data_5HDK
#
_entry.id   5HDK
#
_cell.length_a   65.660
_cell.length_b   67.260
_cell.length_c   93.250
_cell.angle_alpha   90.00
_cell.angle_beta   90.00
_cell.angle_gamma   90.00
#
_symmetry.space_group_name_H-M   'P 21 21 21'
#
loop_
_entity.id
_entity.type
_entity.pdbx_description
1 polymer 'Heat shock factor protein 2'
2 non-polymer 'POTASSIUM ION'
3 non-polymer 'SODIUM ION'
4 non-polymer 'CHLORIDE ION'
5 water water
#
_entity_poly.entity_id   1
_entity_poly.type   'polypeptide(L)'
_entity_poly.pdbx_seq_one_letter_code
;HHHHHHVPAFLSKLWTLVEETHTNEFITWSQNGQSFLVLDEQRFAKEILPKYFKHNNMASFVRQLNMYGFRKVVHIDSGI
VKQERDGPVEFQHPYFKQGQDDLLENIKRKVS
;
_entity_poly.pdbx_strand_id   A,B,C,D
#
loop_
_chem_comp.id
_chem_comp.type
_chem_comp.name
_chem_comp.formula
CL non-polymer 'CHLORIDE ION' 'Cl -1'
K non-polymer 'POTASSIUM ION' 'K 1'
NA non-polymer 'SODIUM ION' 'Na 1'
#
# COMPACT_ATOMS: atom_id res chain seq x y z
N HIS A 2 16.59 8.06 -6.37
CA HIS A 2 16.13 7.18 -5.30
C HIS A 2 14.71 7.50 -4.85
N HIS A 3 14.25 8.71 -5.19
CA HIS A 3 12.91 9.11 -4.85
C HIS A 3 11.87 8.33 -5.61
N HIS A 4 12.30 7.66 -6.67
CA HIS A 4 11.34 6.95 -7.52
C HIS A 4 11.16 5.46 -7.21
N HIS A 5 11.99 4.87 -6.34
CA HIS A 5 11.92 3.41 -6.12
C HIS A 5 10.55 2.87 -5.80
N HIS A 6 9.84 3.50 -4.86
CA HIS A 6 8.57 3.03 -4.39
C HIS A 6 7.41 3.75 -5.03
N VAL A 7 7.70 4.56 -6.04
CA VAL A 7 6.63 5.32 -6.70
C VAL A 7 6.08 4.43 -7.83
N PRO A 8 4.75 4.30 -7.99
CA PRO A 8 4.18 3.59 -9.17
C PRO A 8 4.80 4.06 -10.44
N ALA A 9 5.13 3.11 -11.29
CA ALA A 9 5.83 3.41 -12.52
C ALA A 9 5.13 4.47 -13.37
N PHE A 10 3.80 4.44 -13.40
CA PHE A 10 3.04 5.47 -14.12
C PHE A 10 3.45 6.90 -13.68
N LEU A 11 3.50 7.09 -12.36
CA LEU A 11 3.78 8.42 -11.81
C LEU A 11 5.22 8.86 -12.00
N SER A 12 6.14 7.88 -11.86
CA SER A 12 7.54 8.17 -12.11
C SER A 12 7.78 8.60 -13.56
N LYS A 13 7.19 7.85 -14.49
CA LYS A 13 7.29 8.15 -15.91
C LYS A 13 6.62 9.50 -16.23
N LEU A 14 5.47 9.78 -15.60
CA LEU A 14 4.80 11.07 -15.87
C LEU A 14 5.63 12.25 -15.40
N TRP A 15 6.17 12.13 -14.19
CA TRP A 15 6.94 13.24 -13.67
C TRP A 15 8.15 13.53 -14.54
N THR A 16 8.83 12.48 -14.94
CA THR A 16 10.03 12.62 -15.79
C THR A 16 9.64 13.23 -17.15
N LEU A 17 8.51 12.81 -17.71
CA LEU A 17 7.99 13.34 -18.95
C LEU A 17 7.70 14.84 -18.85
N VAL A 18 7.07 15.27 -17.75
CA VAL A 18 6.75 16.68 -17.62
C VAL A 18 8.04 17.51 -17.45
N GLU A 19 8.96 16.96 -16.67
CA GLU A 19 10.28 17.60 -16.49
C GLU A 19 11.10 17.71 -17.76
N GLU A 20 10.99 16.76 -18.67
CA GLU A 20 11.85 16.73 -19.85
C GLU A 20 11.66 17.96 -20.72
N THR A 21 12.70 18.77 -20.94
CA THR A 21 12.52 19.98 -21.72
C THR A 21 12.11 19.71 -23.17
N HIS A 22 12.63 18.61 -23.73
CA HIS A 22 12.38 18.15 -25.10
C HIS A 22 10.88 18.03 -25.45
N THR A 23 10.07 17.74 -24.43
CA THR A 23 8.64 17.49 -24.69
C THR A 23 7.76 18.66 -24.30
N ASN A 24 8.32 19.81 -23.97
CA ASN A 24 7.47 20.96 -23.58
C ASN A 24 6.47 21.41 -24.63
N GLU A 25 6.77 21.18 -25.91
CA GLU A 25 5.83 21.48 -26.96
C GLU A 25 4.50 20.69 -26.81
N PHE A 26 4.53 19.58 -26.06
CA PHE A 26 3.35 18.73 -25.89
C PHE A 26 2.81 18.85 -24.47
N ILE A 27 3.71 18.89 -23.48
CA ILE A 27 3.30 18.81 -22.05
C ILE A 27 4.33 19.53 -21.22
N THR A 28 3.90 20.47 -20.40
CA THR A 28 4.81 21.37 -19.68
C THR A 28 4.32 21.66 -18.27
N TRP A 29 5.25 21.95 -17.35
CA TRP A 29 4.83 22.55 -16.07
C TRP A 29 4.12 23.87 -16.32
N SER A 30 3.16 24.19 -15.48
CA SER A 30 2.42 25.44 -15.53
C SER A 30 2.15 25.96 -14.13
N GLN A 31 1.59 27.17 -14.04
CA GLN A 31 1.28 27.78 -12.74
C GLN A 31 2.41 27.70 -11.73
N ASN A 32 3.57 28.15 -12.16
CA ASN A 32 4.77 28.21 -11.31
C ASN A 32 5.10 26.85 -10.76
N GLY A 33 4.90 25.84 -11.58
CA GLY A 33 5.34 24.49 -11.25
C GLY A 33 4.37 23.71 -10.40
N GLN A 34 3.17 24.24 -10.20
CA GLN A 34 2.16 23.64 -9.38
C GLN A 34 1.17 22.75 -10.14
N SER A 35 1.14 22.92 -11.45
CA SER A 35 0.21 22.19 -12.33
C SER A 35 0.99 21.76 -13.57
N PHE A 36 0.34 20.97 -14.42
CA PHE A 36 0.94 20.68 -15.74
C PHE A 36 -0.13 20.83 -16.80
N LEU A 37 0.35 21.17 -17.99
CA LEU A 37 -0.51 21.55 -19.09
C LEU A 37 -0.25 20.67 -20.29
N VAL A 38 -1.27 19.99 -20.80
CA VAL A 38 -1.21 19.28 -22.08
C VAL A 38 -1.75 20.19 -23.14
N LEU A 39 -0.91 20.56 -24.13
CA LEU A 39 -1.28 21.66 -25.02
C LEU A 39 -2.38 21.28 -26.00
N ASP A 40 -2.43 20.05 -26.43
CA ASP A 40 -3.44 19.58 -27.38
C ASP A 40 -3.64 18.09 -27.15
N GLU A 41 -4.81 17.71 -26.61
CA GLU A 41 -5.14 16.30 -26.29
C GLU A 41 -4.86 15.34 -27.44
N GLN A 42 -5.24 15.76 -28.64
CA GLN A 42 -5.12 14.85 -29.79
C GLN A 42 -3.66 14.62 -30.16
N ARG A 43 -2.90 15.70 -30.25
CA ARG A 43 -1.49 15.61 -30.58
C ARG A 43 -0.71 14.83 -29.53
N PHE A 44 -0.99 15.13 -28.25
CA PHE A 44 -0.37 14.41 -27.14
C PHE A 44 -0.64 12.91 -27.20
N ALA A 45 -1.88 12.53 -27.45
CA ALA A 45 -2.25 11.12 -27.42
C ALA A 45 -1.62 10.41 -28.61
N LYS A 46 -1.42 11.11 -29.73
CA LYS A 46 -0.87 10.44 -30.90
C LYS A 46 0.66 10.38 -30.84
N GLU A 47 1.29 11.44 -30.31
CA GLU A 47 2.75 11.54 -30.39
C GLU A 47 3.52 11.27 -29.09
N ILE A 48 2.86 11.38 -27.93
CA ILE A 48 3.56 11.19 -26.67
C ILE A 48 3.14 9.92 -25.96
N LEU A 49 1.82 9.64 -25.89
CA LEU A 49 1.41 8.46 -25.13
C LEU A 49 2.04 7.17 -25.66
N PRO A 50 2.20 6.99 -27.00
CA PRO A 50 2.80 5.71 -27.42
C PRO A 50 4.24 5.50 -26.92
N LYS A 51 5.09 6.51 -27.04
CA LYS A 51 6.46 6.40 -26.57
C LYS A 51 6.54 6.21 -25.07
N TYR A 52 5.76 6.99 -24.31
CA TYR A 52 5.94 7.00 -22.87
C TYR A 52 5.09 5.99 -22.10
N PHE A 53 3.91 5.68 -22.62
CA PHE A 53 3.00 4.80 -21.92
C PHE A 53 2.51 3.60 -22.77
N LYS A 54 3.00 3.47 -24.01
CA LYS A 54 2.71 2.33 -24.91
C LYS A 54 1.22 2.16 -25.28
N HIS A 55 0.47 3.25 -25.34
CA HIS A 55 -0.87 3.26 -25.92
C HIS A 55 -1.10 4.65 -26.47
N ASN A 56 -2.26 4.90 -27.08
CA ASN A 56 -2.56 6.18 -27.70
C ASN A 56 -3.93 6.74 -27.29
N ASN A 57 -4.35 6.35 -26.09
CA ASN A 57 -5.70 6.64 -25.64
C ASN A 57 -5.74 7.70 -24.51
N MET A 58 -6.13 8.91 -24.85
CA MET A 58 -6.18 9.96 -23.87
C MET A 58 -7.13 9.66 -22.70
N ALA A 59 -8.30 9.09 -22.95
CA ALA A 59 -9.24 8.85 -21.85
C ALA A 59 -8.64 7.86 -20.86
N SER A 60 -7.84 6.91 -21.30
CA SER A 60 -7.22 5.96 -20.40
C SER A 60 -6.10 6.64 -19.58
N PHE A 61 -5.32 7.53 -20.19
CA PHE A 61 -4.34 8.33 -19.44
C PHE A 61 -5.05 9.17 -18.36
N VAL A 62 -6.14 9.84 -18.72
CA VAL A 62 -6.85 10.69 -17.75
C VAL A 62 -7.50 9.84 -16.65
N ARG A 63 -7.97 8.63 -16.99
CA ARG A 63 -8.47 7.75 -15.96
C ARG A 63 -7.38 7.39 -14.95
N GLN A 64 -6.13 7.16 -15.39
CA GLN A 64 -5.06 6.92 -14.48
C GLN A 64 -4.76 8.15 -13.61
N LEU A 65 -4.80 9.35 -14.20
CA LEU A 65 -4.65 10.58 -13.40
C LEU A 65 -5.74 10.60 -12.31
N ASN A 66 -6.97 10.27 -12.66
CA ASN A 66 -8.06 10.34 -11.68
C ASN A 66 -7.83 9.31 -10.59
N MET A 67 -7.32 8.13 -10.95
CA MET A 67 -7.03 7.07 -9.98
C MET A 67 -6.07 7.54 -8.90
N TYR A 68 -5.12 8.38 -9.22
CA TYR A 68 -4.16 8.90 -8.28
C TYR A 68 -4.55 10.27 -7.67
N GLY A 69 -5.77 10.72 -7.93
CA GLY A 69 -6.29 11.92 -7.26
C GLY A 69 -5.91 13.22 -7.93
N PHE A 70 -5.36 13.22 -9.14
CA PHE A 70 -5.20 14.46 -9.88
C PHE A 70 -6.56 15.07 -10.18
N ARG A 71 -6.57 16.40 -10.20
CA ARG A 71 -7.79 17.14 -10.58
C ARG A 71 -7.53 18.05 -11.72
N LYS A 72 -8.57 18.57 -12.36
CA LYS A 72 -8.46 19.50 -13.49
C LYS A 72 -8.44 20.93 -13.01
N VAL A 73 -7.68 21.77 -13.67
CA VAL A 73 -7.61 23.19 -13.38
C VAL A 73 -8.37 23.90 -14.51
N VAL A 74 -9.41 24.67 -14.20
CA VAL A 74 -10.20 25.27 -15.28
C VAL A 74 -10.32 26.77 -15.07
N HIS A 75 -10.44 27.46 -16.18
CA HIS A 75 -10.55 28.92 -16.11
C HIS A 75 -11.93 29.27 -15.66
N ILE A 76 -12.02 30.44 -15.05
CA ILE A 76 -13.29 30.93 -14.62
C ILE A 76 -14.06 31.49 -15.82
N GLY A 87 -7.91 20.74 -27.89
CA GLY A 87 -7.71 21.80 -26.92
C GLY A 87 -6.79 21.41 -25.76
N PRO A 88 -6.30 22.42 -25.04
CA PRO A 88 -5.42 22.19 -23.88
C PRO A 88 -6.21 21.76 -22.68
N VAL A 89 -5.54 21.04 -21.81
CA VAL A 89 -6.13 20.60 -20.55
C VAL A 89 -5.04 20.71 -19.53
N GLU A 90 -5.41 21.07 -18.30
CA GLU A 90 -4.47 21.33 -17.23
C GLU A 90 -4.87 20.51 -16.02
N PHE A 91 -3.88 19.89 -15.37
CA PHE A 91 -4.11 18.99 -14.24
C PHE A 91 -3.21 19.38 -13.09
N GLN A 92 -3.57 18.94 -11.89
CA GLN A 92 -2.77 19.23 -10.71
C GLN A 92 -2.98 18.19 -9.63
N HIS A 93 -1.90 17.99 -8.87
CA HIS A 93 -1.95 17.19 -7.66
C HIS A 93 -1.06 17.89 -6.66
N PRO A 94 -1.49 17.97 -5.37
CA PRO A 94 -0.62 18.68 -4.40
C PRO A 94 0.80 18.08 -4.24
N TYR A 95 1.03 16.81 -4.62
CA TYR A 95 2.37 16.25 -4.46
C TYR A 95 3.02 15.97 -5.81
N PHE A 96 2.57 16.63 -6.86
CA PHE A 96 3.16 16.50 -8.21
C PHE A 96 3.64 17.89 -8.62
N LYS A 97 4.91 18.19 -8.40
CA LYS A 97 5.40 19.56 -8.54
C LYS A 97 6.76 19.61 -9.18
N GLN A 98 6.98 20.66 -9.92
CA GLN A 98 8.23 20.87 -10.61
C GLN A 98 9.44 20.81 -9.69
N GLY A 99 10.44 20.04 -10.12
CA GLY A 99 11.69 19.89 -9.35
C GLY A 99 11.53 19.32 -7.95
N GLN A 100 10.42 18.62 -7.67
CA GLN A 100 10.16 18.09 -6.34
C GLN A 100 9.70 16.64 -6.41
N ASP A 101 10.51 15.81 -7.07
CA ASP A 101 10.16 14.39 -7.13
C ASP A 101 10.22 13.68 -5.79
N ASP A 102 10.81 14.34 -4.79
CA ASP A 102 10.77 13.78 -3.44
C ASP A 102 9.37 13.75 -2.86
N LEU A 103 8.42 14.45 -3.46
CA LEU A 103 7.01 14.42 -3.02
C LEU A 103 6.22 13.28 -3.61
N LEU A 104 6.74 12.64 -4.66
CA LEU A 104 5.93 11.66 -5.41
C LEU A 104 5.43 10.47 -4.59
N GLU A 105 6.23 10.02 -3.61
CA GLU A 105 5.81 8.90 -2.76
C GLU A 105 4.52 9.19 -1.97
N ASN A 106 4.11 10.45 -1.90
CA ASN A 106 2.88 10.80 -1.20
C ASN A 106 1.62 10.58 -2.00
N ILE A 107 1.77 10.35 -3.31
CA ILE A 107 0.62 10.17 -4.18
C ILE A 107 0.06 8.75 -4.06
N LYS A 108 -1.21 8.61 -3.69
CA LYS A 108 -1.83 7.32 -3.41
C LYS A 108 -3.01 7.01 -4.32
N ARG A 109 -3.30 5.74 -4.51
CA ARG A 109 -4.30 5.25 -5.44
C ARG A 109 -5.67 5.15 -4.79
N LYS A 110 -6.72 5.21 -5.61
CA LYS A 110 -8.10 5.03 -5.14
C LYS A 110 -8.55 3.57 -5.12
N HIS B 4 -7.51 3.80 18.12
CA HIS B 4 -8.70 3.46 17.34
C HIS B 4 -8.75 1.97 16.97
N HIS B 5 -7.80 1.17 17.46
CA HIS B 5 -7.89 -0.26 17.19
C HIS B 5 -8.85 -0.98 18.14
N HIS B 6 -9.29 -0.32 19.21
CA HIS B 6 -10.19 -0.96 20.15
C HIS B 6 -11.56 -0.35 20.23
N VAL B 7 -11.98 0.16 19.09
CA VAL B 7 -13.32 0.67 18.88
C VAL B 7 -13.85 -0.11 17.69
N PRO B 8 -15.17 -0.12 17.51
CA PRO B 8 -15.75 -0.81 16.37
C PRO B 8 -15.05 -0.49 15.07
N ALA B 9 -14.87 -1.50 14.25
CA ALA B 9 -14.17 -1.38 12.98
C ALA B 9 -14.73 -0.26 12.10
N PHE B 10 -16.05 -0.11 12.07
CA PHE B 10 -16.65 0.99 11.29
C PHE B 10 -16.05 2.31 11.72
N LEU B 11 -15.97 2.56 13.02
CA LEU B 11 -15.47 3.84 13.54
C LEU B 11 -13.98 3.99 13.32
N SER B 12 -13.23 2.87 13.41
CA SER B 12 -11.81 2.90 13.19
C SER B 12 -11.52 3.29 11.71
N LYS B 13 -12.22 2.63 10.83
CA LYS B 13 -12.08 2.91 9.42
C LYS B 13 -12.51 4.34 9.08
N LEU B 14 -13.61 4.80 9.66
CA LEU B 14 -14.07 6.17 9.39
C LEU B 14 -13.05 7.17 9.86
N TRP B 15 -12.50 6.96 11.05
CA TRP B 15 -11.53 7.91 11.58
C TRP B 15 -10.30 8.00 10.67
N THR B 16 -9.81 6.85 10.24
CA THR B 16 -8.64 6.85 9.37
C THR B 16 -8.96 7.50 8.03
N LEU B 17 -10.12 7.22 7.46
CA LEU B 17 -10.59 7.84 6.23
C LEU B 17 -10.66 9.37 6.33
N VAL B 18 -11.21 9.87 7.43
CA VAL B 18 -11.28 11.34 7.58
C VAL B 18 -9.88 11.91 7.78
N GLU B 19 -9.03 11.23 8.54
CA GLU B 19 -7.67 11.71 8.79
C GLU B 19 -6.77 11.71 7.54
N GLU B 20 -6.96 10.75 6.65
CA GLU B 20 -6.03 10.55 5.53
C GLU B 20 -5.96 11.77 4.63
N THR B 21 -4.76 12.19 4.34
CA THR B 21 -4.59 13.34 3.47
C THR B 21 -5.13 13.13 2.04
N HIS B 22 -4.89 11.93 1.51
CA HIS B 22 -5.17 11.70 0.10
C HIS B 22 -6.65 11.53 -0.24
N THR B 23 -7.51 11.59 0.78
CA THR B 23 -8.96 11.54 0.49
C THR B 23 -9.62 12.89 0.85
N ASN B 24 -8.84 13.92 1.21
CA ASN B 24 -9.41 15.22 1.67
C ASN B 24 -10.21 15.93 0.62
N GLU B 25 -10.03 15.62 -0.63
CA GLU B 25 -10.81 16.21 -1.70
C GLU B 25 -12.23 15.62 -1.75
N PHE B 26 -12.47 14.56 -0.97
CA PHE B 26 -13.80 13.93 -0.87
C PHE B 26 -14.37 14.07 0.53
N ILE B 27 -13.57 13.86 1.55
CA ILE B 27 -14.06 13.85 2.94
C ILE B 27 -12.95 14.37 3.80
N THR B 28 -13.25 15.40 4.59
CA THR B 28 -12.19 16.20 5.26
C THR B 28 -12.64 16.65 6.64
N TRP B 29 -11.72 16.75 7.59
CA TRP B 29 -11.99 17.53 8.78
C TRP B 29 -12.26 18.96 8.38
N SER B 30 -13.17 19.60 9.12
CA SER B 30 -13.27 21.07 9.11
C SER B 30 -11.94 21.70 9.64
N GLN B 31 -11.71 22.96 9.36
CA GLN B 31 -10.53 23.62 9.89
C GLN B 31 -10.36 23.53 11.40
N ASN B 32 -11.45 23.52 12.15
CA ASN B 32 -11.28 23.47 13.61
C ASN B 32 -11.27 22.04 14.11
N GLY B 33 -11.41 21.05 13.22
CA GLY B 33 -11.24 19.65 13.62
C GLY B 33 -12.45 19.06 14.37
N GLN B 34 -13.56 19.80 14.48
CA GLN B 34 -14.65 19.37 15.34
C GLN B 34 -15.76 18.65 14.58
N SER B 35 -15.71 18.67 13.25
CA SER B 35 -16.72 18.04 12.42
C SER B 35 -16.01 17.61 11.14
N PHE B 36 -16.68 16.82 10.32
CA PHE B 36 -16.13 16.46 9.02
C PHE B 36 -17.14 16.67 7.93
N LEU B 37 -16.66 16.92 6.73
CA LEU B 37 -17.52 17.25 5.58
C LEU B 37 -17.36 16.22 4.49
N VAL B 38 -18.47 15.73 3.98
CA VAL B 38 -18.48 14.98 2.71
C VAL B 38 -18.82 16.00 1.63
N LEU B 39 -17.89 16.34 0.74
CA LEU B 39 -18.06 17.45 -0.15
C LEU B 39 -19.09 17.21 -1.26
N ASP B 40 -19.14 15.99 -1.77
CA ASP B 40 -20.06 15.65 -2.86
C ASP B 40 -20.50 14.23 -2.60
N GLU B 41 -21.75 14.04 -2.17
CA GLU B 41 -22.22 12.70 -1.80
C GLU B 41 -22.14 11.68 -2.93
N GLN B 42 -22.42 12.10 -4.16
CA GLN B 42 -22.42 11.15 -5.27
C GLN B 42 -20.99 10.65 -5.54
N ARG B 43 -20.02 11.55 -5.59
CA ARG B 43 -18.62 11.22 -5.88
C ARG B 43 -18.04 10.38 -4.77
N PHE B 44 -18.35 10.77 -3.54
CA PHE B 44 -17.95 10.00 -2.37
C PHE B 44 -18.47 8.54 -2.42
N ALA B 45 -19.76 8.38 -2.69
CA ALA B 45 -20.33 7.03 -2.71
C ALA B 45 -19.72 6.20 -3.83
N LYS B 46 -19.36 6.83 -4.95
CA LYS B 46 -18.83 6.05 -6.07
C LYS B 46 -17.35 5.69 -5.91
N GLU B 47 -16.54 6.65 -5.45
CA GLU B 47 -15.10 6.47 -5.47
C GLU B 47 -14.47 6.15 -4.15
N ILE B 48 -15.16 6.49 -3.06
CA ILE B 48 -14.58 6.28 -1.75
C ILE B 48 -15.22 5.12 -0.99
N LEU B 49 -16.55 5.08 -0.94
CA LEU B 49 -17.19 4.02 -0.15
C LEU B 49 -16.75 2.57 -0.56
N PRO B 50 -16.55 2.30 -1.87
CA PRO B 50 -16.09 0.94 -2.19
C PRO B 50 -14.74 0.55 -1.62
N LYS B 51 -13.75 1.40 -1.66
CA LYS B 51 -12.50 1.00 -1.12
C LYS B 51 -12.55 0.91 0.37
N TYR B 52 -13.37 1.70 1.01
CA TYR B 52 -13.29 1.82 2.43
C TYR B 52 -14.31 0.95 3.16
N PHE B 53 -15.51 0.82 2.60
CA PHE B 53 -16.55 0.12 3.32
C PHE B 53 -17.15 -1.02 2.47
N LYS B 54 -16.51 -1.29 1.34
CA LYS B 54 -16.86 -2.38 0.41
C LYS B 54 -18.31 -2.33 -0.08
N HIS B 55 -18.85 -1.12 -0.18
CA HIS B 55 -20.12 -0.92 -0.87
C HIS B 55 -20.10 0.48 -1.46
N ASN B 56 -21.13 0.85 -2.20
CA ASN B 56 -21.18 2.15 -2.86
C ASN B 56 -22.46 2.92 -2.54
N ASN B 57 -22.96 2.71 -1.33
CA ASN B 57 -24.27 3.22 -1.01
C ASN B 57 -24.31 4.26 0.12
N MET B 58 -24.62 5.50 -0.23
CA MET B 58 -24.62 6.58 0.78
C MET B 58 -25.62 6.30 1.89
N ALA B 59 -26.83 5.81 1.55
CA ALA B 59 -27.83 5.54 2.55
C ALA B 59 -27.35 4.53 3.60
N SER B 60 -26.61 3.52 3.19
CA SER B 60 -26.08 2.54 4.12
C SER B 60 -25.02 3.15 5.03
N PHE B 61 -24.19 4.01 4.46
CA PHE B 61 -23.19 4.71 5.25
C PHE B 61 -23.81 5.64 6.28
N VAL B 62 -24.80 6.41 5.89
CA VAL B 62 -25.42 7.35 6.82
C VAL B 62 -26.22 6.56 7.89
N ARG B 63 -26.79 5.42 7.53
CA ARG B 63 -27.46 4.55 8.50
C ARG B 63 -26.49 4.11 9.59
N GLN B 64 -25.26 3.77 9.20
CA GLN B 64 -24.24 3.44 10.20
C GLN B 64 -23.87 4.68 11.06
N LEU B 65 -23.73 5.88 10.44
CA LEU B 65 -23.46 7.05 11.24
C LEU B 65 -24.54 7.22 12.26
N ASN B 66 -25.79 7.03 11.83
CA ASN B 66 -26.89 7.21 12.76
C ASN B 66 -26.86 6.19 13.93
N MET B 67 -26.49 4.97 13.66
CA MET B 67 -26.41 3.95 14.69
C MET B 67 -25.39 4.30 15.76
N TYR B 68 -24.37 5.05 15.39
CA TYR B 68 -23.35 5.47 16.36
C TYR B 68 -23.57 6.89 16.88
N GLY B 69 -24.75 7.44 16.62
CA GLY B 69 -25.12 8.72 17.22
C GLY B 69 -24.48 9.96 16.60
N PHE B 70 -23.97 9.84 15.37
CA PHE B 70 -23.52 11.05 14.67
C PHE B 70 -24.73 11.92 14.36
N ARG B 71 -24.48 13.22 14.25
CA ARG B 71 -25.51 14.18 13.87
C ARG B 71 -25.03 14.98 12.71
N LYS B 72 -25.90 15.76 12.10
CA LYS B 72 -25.60 16.65 10.99
C LYS B 72 -25.63 18.09 11.47
N VAL B 73 -24.79 18.94 10.94
CA VAL B 73 -24.77 20.35 11.33
C VAL B 73 -25.32 21.13 10.19
N VAL B 74 -26.34 21.94 10.42
CA VAL B 74 -26.98 22.67 9.32
C VAL B 74 -27.13 24.13 9.73
N HIS B 75 -27.22 25.02 8.76
CA HIS B 75 -27.50 26.41 9.03
C HIS B 75 -28.91 26.60 9.50
N ILE B 76 -29.09 27.63 10.31
CA ILE B 76 -30.44 28.00 10.72
C ILE B 76 -31.24 28.60 9.55
N GLY B 87 -24.12 18.48 -2.04
CA GLY B 87 -23.60 18.65 -0.68
C GLY B 87 -23.10 20.06 -0.59
N PRO B 88 -22.19 20.32 0.33
CA PRO B 88 -21.55 19.36 1.21
C PRO B 88 -22.50 18.96 2.32
N VAL B 89 -22.21 17.87 2.99
CA VAL B 89 -22.94 17.48 4.20
C VAL B 89 -21.93 17.40 5.32
N GLU B 90 -22.26 17.95 6.47
CA GLU B 90 -21.35 18.06 7.59
C GLU B 90 -21.84 17.22 8.72
N PHE B 91 -21.03 16.27 9.17
CA PHE B 91 -21.36 15.34 10.26
C PHE B 91 -20.52 15.62 11.48
N GLN B 92 -21.01 15.23 12.63
CA GLN B 92 -20.23 15.45 13.84
C GLN B 92 -20.68 14.48 14.92
N HIS B 93 -19.76 14.20 15.81
CA HIS B 93 -20.01 13.44 17.04
C HIS B 93 -19.11 14.06 18.10
N PRO B 94 -19.62 14.23 19.35
CA PRO B 94 -18.76 14.87 20.35
C PRO B 94 -17.44 14.12 20.59
N TYR B 95 -17.38 12.83 20.29
CA TYR B 95 -16.16 12.06 20.58
C TYR B 95 -15.41 11.62 19.30
N PHE B 96 -15.70 12.32 18.20
CA PHE B 96 -15.05 12.07 16.88
C PHE B 96 -14.36 13.36 16.51
N LYS B 97 -13.09 13.52 16.85
CA LYS B 97 -12.39 14.78 16.67
C LYS B 97 -10.99 14.61 16.07
N GLN B 98 -10.55 15.57 15.30
CA GLN B 98 -9.24 15.52 14.62
C GLN B 98 -8.14 15.37 15.66
N GLY B 99 -7.27 14.40 15.41
CA GLY B 99 -6.13 14.11 16.26
C GLY B 99 -6.44 13.66 17.67
N GLN B 100 -7.67 13.26 17.94
CA GLN B 100 -8.06 12.80 19.27
C GLN B 100 -8.70 11.39 19.22
N ASP B 101 -7.95 10.43 18.68
CA ASP B 101 -8.45 9.07 18.58
C ASP B 101 -8.75 8.44 19.96
N ASP B 102 -8.16 8.99 21.01
CA ASP B 102 -8.42 8.54 22.39
C ASP B 102 -9.89 8.71 22.81
N LEU B 103 -10.62 9.58 22.12
CA LEU B 103 -12.02 9.81 22.46
C LEU B 103 -12.94 8.78 21.84
N LEU B 104 -12.47 8.08 20.81
CA LEU B 104 -13.32 7.18 20.03
C LEU B 104 -14.01 6.10 20.87
N GLU B 105 -13.36 5.64 21.94
CA GLU B 105 -13.91 4.60 22.82
C GLU B 105 -15.21 5.04 23.49
N ASN B 106 -15.51 6.35 23.49
CA ASN B 106 -16.71 6.88 24.10
C ASN B 106 -17.92 6.83 23.17
N ILE B 107 -17.70 6.50 21.89
CA ILE B 107 -18.80 6.44 20.95
C ILE B 107 -19.62 5.14 21.13
N LYS B 108 -20.90 5.29 21.43
CA LYS B 108 -21.79 4.16 21.73
C LYS B 108 -22.70 3.83 20.56
N ARG B 109 -22.93 2.55 20.33
CA ARG B 109 -23.97 2.10 19.41
C ARG B 109 -25.35 2.14 20.05
N LYS B 110 -26.35 2.50 19.25
CA LYS B 110 -27.73 2.55 19.72
C LYS B 110 -28.31 1.17 19.94
N HIS C 5 -18.32 -4.43 10.90
CA HIS C 5 -18.67 -3.06 11.35
C HIS C 5 -18.62 -2.86 12.86
N HIS C 6 -19.22 -3.76 13.65
CA HIS C 6 -19.39 -3.47 15.07
C HIS C 6 -18.35 -4.19 15.94
N VAL C 7 -17.54 -5.02 15.31
CA VAL C 7 -16.50 -5.78 16.03
C VAL C 7 -15.31 -4.88 16.28
N PRO C 8 -14.73 -4.87 17.48
CA PRO C 8 -13.51 -4.10 17.73
C PRO C 8 -12.49 -4.32 16.61
N ALA C 9 -11.92 -3.24 16.10
CA ALA C 9 -10.98 -3.33 15.01
C ALA C 9 -9.82 -4.31 15.25
N PHE C 10 -9.29 -4.29 16.46
CA PHE C 10 -8.18 -5.23 16.81
C PHE C 10 -8.57 -6.66 16.49
N LEU C 11 -9.77 -7.07 16.93
CA LEU C 11 -10.22 -8.45 16.69
C LEU C 11 -10.47 -8.78 15.22
N SER C 12 -11.06 -7.80 14.51
CA SER C 12 -11.28 -7.98 13.09
C SER C 12 -9.97 -8.18 12.30
N LYS C 13 -9.03 -7.30 12.62
CA LYS C 13 -7.71 -7.36 12.00
C LYS C 13 -6.98 -8.69 12.33
N LEU C 14 -7.06 -9.09 13.61
CA LEU C 14 -6.39 -10.32 14.03
C LEU C 14 -7.01 -11.55 13.38
N TRP C 15 -8.35 -11.60 13.33
CA TRP C 15 -9.00 -12.78 12.72
C TRP C 15 -8.60 -12.91 11.26
N THR C 16 -8.65 -11.77 10.54
CA THR C 16 -8.27 -11.79 9.12
C THR C 16 -6.79 -12.22 8.92
N LEU C 17 -5.88 -11.72 9.77
CA LEU C 17 -4.50 -12.14 9.70
C LEU C 17 -4.29 -13.63 9.93
N VAL C 18 -4.95 -14.17 10.96
CA VAL C 18 -4.81 -15.59 11.18
C VAL C 18 -5.40 -16.44 9.99
N GLU C 19 -6.52 -15.95 9.44
CA GLU C 19 -7.17 -16.63 8.31
C GLU C 19 -6.31 -16.59 7.02
N GLU C 20 -5.53 -15.53 6.86
CA GLU C 20 -4.78 -15.30 5.59
C GLU C 20 -3.78 -16.40 5.33
N THR C 21 -3.90 -17.11 4.21
CA THR C 21 -2.98 -18.22 4.02
C THR C 21 -1.54 -17.78 3.82
N HIS C 22 -1.31 -16.59 3.23
CA HIS C 22 0.06 -16.24 2.90
C HIS C 22 0.90 -15.83 4.13
N THR C 23 0.27 -15.75 5.30
CA THR C 23 1.02 -15.48 6.55
C THR C 23 1.08 -16.69 7.49
N ASN C 24 0.64 -17.84 7.00
CA ASN C 24 0.60 -19.05 7.82
C ASN C 24 1.95 -19.48 8.36
N GLU C 25 3.04 -19.10 7.67
CA GLU C 25 4.35 -19.40 8.18
C GLU C 25 4.78 -18.58 9.40
N PHE C 26 4.03 -17.51 9.66
CA PHE C 26 4.22 -16.63 10.81
C PHE C 26 3.18 -16.90 11.91
N ILE C 27 1.92 -17.00 11.52
CA ILE C 27 0.81 -17.08 12.49
C ILE C 27 -0.29 -17.86 11.80
N THR C 28 -0.80 -18.88 12.48
CA THR C 28 -1.73 -19.81 11.85
C THR C 28 -2.72 -20.37 12.86
N TRP C 29 -3.91 -20.74 12.38
CA TRP C 29 -4.80 -21.58 13.18
C TRP C 29 -4.10 -22.86 13.56
N SER C 30 -4.42 -23.40 14.71
CA SER C 30 -4.17 -24.82 15.05
C SER C 30 -4.96 -25.79 14.13
N GLN C 31 -4.60 -27.07 14.19
CA GLN C 31 -5.25 -28.10 13.40
C GLN C 31 -6.78 -28.07 13.55
N ASN C 32 -7.31 -27.95 14.78
CA ASN C 32 -8.75 -28.00 14.90
C ASN C 32 -9.41 -26.63 14.79
N GLY C 33 -8.61 -25.56 14.57
CA GLY C 33 -9.17 -24.24 14.38
C GLY C 33 -9.55 -23.48 15.63
N GLN C 34 -9.23 -24.05 16.79
CA GLN C 34 -9.69 -23.46 18.04
C GLN C 34 -8.67 -22.60 18.77
N SER C 35 -7.44 -22.62 18.31
CA SER C 35 -6.39 -21.77 18.87
C SER C 35 -5.55 -21.25 17.75
N PHE C 36 -4.65 -20.31 18.03
CA PHE C 36 -3.72 -19.86 16.96
C PHE C 36 -2.34 -19.88 17.52
N LEU C 37 -1.36 -20.08 16.63
CA LEU C 37 0.02 -20.22 16.97
C LEU C 37 0.84 -19.13 16.31
N VAL C 38 1.64 -18.44 17.09
CA VAL C 38 2.67 -17.56 16.54
C VAL C 38 3.93 -18.36 16.47
N LEU C 39 4.39 -18.68 15.24
CA LEU C 39 5.38 -19.76 15.11
C LEU C 39 6.79 -19.33 15.59
N ASP C 40 7.07 -18.03 15.49
CA ASP C 40 8.38 -17.44 15.84
C ASP C 40 8.06 -16.02 16.32
N GLU C 41 8.10 -15.82 17.62
CA GLU C 41 7.73 -14.51 18.18
C GLU C 41 8.54 -13.35 17.61
N GLN C 42 9.86 -13.51 17.54
CA GLN C 42 10.75 -12.42 17.16
C GLN C 42 10.46 -12.03 15.72
N ARG C 43 10.28 -13.01 14.84
CA ARG C 43 9.99 -12.68 13.45
C ARG C 43 8.58 -12.07 13.24
N PHE C 44 7.61 -12.60 13.97
CA PHE C 44 6.27 -12.06 13.91
C PHE C 44 6.23 -10.57 14.32
N ALA C 45 6.92 -10.29 15.42
CA ALA C 45 6.92 -8.91 15.95
C ALA C 45 7.64 -7.94 15.00
N LYS C 46 8.71 -8.41 14.39
CA LYS C 46 9.52 -7.56 13.49
C LYS C 46 8.84 -7.33 12.16
N GLU C 47 8.17 -8.35 11.61
CA GLU C 47 7.63 -8.24 10.26
C GLU C 47 6.11 -8.11 10.16
N ILE C 48 5.39 -8.87 10.98
CA ILE C 48 3.94 -8.87 10.85
C ILE C 48 3.24 -7.76 11.63
N LEU C 49 3.65 -7.60 12.88
CA LEU C 49 3.00 -6.56 13.71
C LEU C 49 3.07 -5.16 13.06
N PRO C 50 4.20 -4.77 12.44
CA PRO C 50 4.20 -3.44 11.81
C PRO C 50 3.17 -3.34 10.68
N LYS C 51 3.12 -4.35 9.81
CA LYS C 51 2.21 -4.28 8.69
C LYS C 51 0.77 -4.21 9.16
N TYR C 52 0.44 -5.07 10.13
CA TYR C 52 -0.95 -5.26 10.49
C TYR C 52 -1.44 -4.40 11.65
N PHE C 53 -0.54 -4.01 12.55
CA PHE C 53 -0.96 -3.27 13.75
C PHE C 53 -0.12 -2.02 14.01
N LYS C 54 0.85 -1.74 13.13
CA LYS C 54 1.57 -0.46 13.14
C LYS C 54 2.50 -0.27 14.34
N HIS C 55 3.04 -1.34 14.87
CA HIS C 55 4.08 -1.27 15.89
C HIS C 55 4.81 -2.59 15.84
N ASN C 56 5.91 -2.76 16.55
CA ASN C 56 6.65 -4.01 16.52
C ASN C 56 6.82 -4.62 17.93
N ASN C 57 5.94 -4.21 18.83
CA ASN C 57 6.09 -4.60 20.25
C ASN C 57 5.21 -5.82 20.64
N MET C 58 5.82 -6.98 20.71
CA MET C 58 5.07 -8.21 21.06
C MET C 58 4.35 -8.07 22.38
N ALA C 59 4.97 -7.42 23.35
CA ALA C 59 4.37 -7.32 24.66
C ALA C 59 3.08 -6.53 24.57
N SER C 60 3.03 -5.49 23.70
CA SER C 60 1.81 -4.72 23.57
C SER C 60 0.68 -5.56 22.89
N PHE C 61 1.04 -6.33 21.89
CA PHE C 61 0.07 -7.25 21.26
C PHE C 61 -0.52 -8.24 22.29
N VAL C 62 0.34 -8.81 23.11
CA VAL C 62 -0.11 -9.81 24.10
C VAL C 62 -0.97 -9.14 25.19
N ARG C 63 -0.64 -7.90 25.55
CA ARG C 63 -1.48 -7.13 26.46
C ARG C 63 -2.88 -6.98 25.91
N GLN C 64 -2.97 -6.71 24.61
CA GLN C 64 -4.29 -6.56 23.98
C GLN C 64 -5.07 -7.89 23.98
N LEU C 65 -4.37 -8.99 23.66
CA LEU C 65 -5.00 -10.33 23.77
C LEU C 65 -5.59 -10.52 25.17
N ASN C 66 -4.82 -10.16 26.20
CA ASN C 66 -5.35 -10.34 27.57
C ASN C 66 -6.58 -9.47 27.86
N MET C 67 -6.59 -8.29 27.28
CA MET C 67 -7.76 -7.41 27.46
C MET C 67 -9.07 -8.00 26.96
N TYR C 68 -8.98 -8.90 25.98
CA TYR C 68 -10.15 -9.53 25.43
C TYR C 68 -10.37 -10.94 25.96
N GLY C 69 -9.58 -11.34 26.94
CA GLY C 69 -9.81 -12.61 27.58
C GLY C 69 -9.15 -13.79 26.91
N PHE C 70 -8.26 -13.57 25.93
CA PHE C 70 -7.49 -14.71 25.41
C PHE C 70 -6.65 -15.30 26.50
N ARG C 71 -6.43 -16.60 26.44
CA ARG C 71 -5.51 -17.27 27.35
C ARG C 71 -4.39 -17.94 26.58
N LYS C 72 -3.35 -18.40 27.24
CA LYS C 72 -2.22 -19.04 26.64
C LYS C 72 -2.31 -20.54 26.82
N VAL C 73 -1.88 -21.28 25.84
CA VAL C 73 -1.85 -22.74 25.87
C VAL C 73 -0.38 -23.18 25.91
N VAL C 74 0.03 -23.89 26.97
CA VAL C 74 1.44 -24.16 27.23
C VAL C 74 1.67 -25.64 27.44
N HIS C 75 2.90 -26.06 27.23
CA HIS C 75 3.26 -27.45 27.40
C HIS C 75 3.25 -27.77 28.84
N ILE C 76 3.00 -29.05 29.09
CA ILE C 76 3.17 -29.62 30.39
C ILE C 76 4.64 -29.78 30.75
N GLY C 87 10.18 -21.21 21.76
CA GLY C 87 9.34 -21.93 20.81
C GLY C 87 8.06 -21.18 20.42
N PRO C 88 7.14 -21.87 19.75
CA PRO C 88 5.90 -21.18 19.31
C PRO C 88 5.01 -20.86 20.52
N VAL C 89 4.31 -19.75 20.44
CA VAL C 89 3.35 -19.40 21.48
C VAL C 89 1.97 -19.57 20.93
N GLU C 90 1.08 -20.08 21.76
CA GLU C 90 -0.27 -20.43 21.37
C GLU C 90 -1.26 -19.72 22.23
N PHE C 91 -2.26 -19.11 21.62
CA PHE C 91 -3.31 -18.38 22.34
C PHE C 91 -4.67 -18.87 21.92
N GLN C 92 -5.67 -18.66 22.73
CA GLN C 92 -7.01 -19.11 22.40
C GLN C 92 -8.07 -18.29 23.09
N HIS C 93 -9.23 -18.18 22.43
CA HIS C 93 -10.42 -17.59 23.01
C HIS C 93 -11.58 -18.44 22.48
N PRO C 94 -12.57 -18.78 23.33
CA PRO C 94 -13.66 -19.63 22.84
C PRO C 94 -14.44 -19.05 21.67
N TYR C 95 -14.41 -17.74 21.47
CA TYR C 95 -15.16 -17.10 20.40
C TYR C 95 -14.23 -16.62 19.24
N PHE C 96 -13.01 -17.14 19.19
CA PHE C 96 -12.04 -16.77 18.15
C PHE C 96 -11.68 -18.05 17.47
N LYS C 97 -12.36 -18.39 16.35
CA LYS C 97 -12.21 -19.71 15.73
C LYS C 97 -12.17 -19.65 14.22
N GLN C 98 -11.44 -20.59 13.65
CA GLN C 98 -11.31 -20.67 12.18
C GLN C 98 -12.67 -20.73 11.45
N GLY C 99 -12.84 -19.87 10.46
CA GLY C 99 -14.03 -19.81 9.64
C GLY C 99 -15.28 -19.35 10.36
N GLN C 100 -15.16 -18.89 11.61
CA GLN C 100 -16.37 -18.51 12.34
C GLN C 100 -16.29 -17.10 12.86
N ASP C 101 -16.12 -16.15 11.94
CA ASP C 101 -16.08 -14.76 12.35
C ASP C 101 -17.44 -14.25 12.81
N ASP C 102 -18.51 -15.05 12.62
CA ASP C 102 -19.83 -14.81 13.25
C ASP C 102 -19.75 -14.72 14.79
N LEU C 103 -18.69 -15.29 15.36
CA LEU C 103 -18.52 -15.29 16.81
C LEU C 103 -17.80 -14.10 17.37
N LEU C 104 -17.09 -13.33 16.51
CA LEU C 104 -16.24 -12.24 17.06
C LEU C 104 -17.02 -11.22 17.85
N GLU C 105 -18.30 -11.05 17.47
CA GLU C 105 -19.14 -10.07 18.12
C GLU C 105 -19.40 -10.45 19.58
N ASN C 106 -19.13 -11.71 19.97
CA ASN C 106 -19.34 -12.16 21.36
C ASN C 106 -18.17 -11.86 22.29
N ILE C 107 -17.05 -11.44 21.71
CA ILE C 107 -15.85 -11.25 22.52
C ILE C 107 -15.93 -9.93 23.27
N LYS C 108 -15.71 -9.99 24.57
CA LYS C 108 -15.88 -8.82 25.43
C LYS C 108 -14.58 -8.38 26.06
N ARG C 109 -14.48 -7.09 26.36
CA ARG C 109 -13.29 -6.54 26.98
C ARG C 109 -13.43 -6.57 28.49
N LYS C 110 -12.31 -6.76 29.18
CA LYS C 110 -12.31 -6.78 30.65
C LYS C 110 -12.51 -5.39 31.24
N HIS D 4 2.56 -2.87 -15.74
CA HIS D 4 3.55 -2.31 -14.83
C HIS D 4 3.15 -0.96 -14.24
N HIS D 5 2.05 -0.39 -14.71
CA HIS D 5 1.80 1.03 -14.38
C HIS D 5 1.64 1.28 -12.90
N HIS D 6 1.08 0.35 -12.15
CA HIS D 6 0.87 0.59 -10.73
C HIS D 6 1.91 -0.07 -9.85
N VAL D 7 2.88 -0.71 -10.49
CA VAL D 7 3.96 -1.42 -9.79
C VAL D 7 5.05 -0.42 -9.39
N PRO D 8 5.62 -0.54 -8.17
CA PRO D 8 6.75 0.33 -7.81
C PRO D 8 7.78 0.36 -8.90
N ALA D 9 8.32 1.52 -9.19
CA ALA D 9 9.24 1.67 -10.31
C ALA D 9 10.49 0.79 -10.15
N PHE D 10 10.99 0.58 -8.93
CA PHE D 10 12.13 -0.30 -8.77
C PHE D 10 11.82 -1.70 -9.32
N LEU D 11 10.66 -2.23 -9.00
CA LEU D 11 10.28 -3.59 -9.44
C LEU D 11 10.02 -3.66 -10.93
N SER D 12 9.43 -2.61 -11.53
CA SER D 12 9.21 -2.58 -12.95
C SER D 12 10.54 -2.62 -13.65
N LYS D 13 11.45 -1.81 -13.18
CA LYS D 13 12.77 -1.77 -13.77
C LYS D 13 13.55 -3.07 -13.60
N LEU D 14 13.47 -3.64 -12.43
CA LEU D 14 14.13 -4.91 -12.13
C LEU D 14 13.62 -6.00 -13.10
N TRP D 15 12.29 -6.10 -13.22
CA TRP D 15 11.73 -7.12 -14.10
C TRP D 15 12.21 -6.93 -15.53
N THR D 16 12.15 -5.71 -16.03
CA THR D 16 12.64 -5.42 -17.38
C THR D 16 14.10 -5.81 -17.54
N LEU D 17 14.93 -5.46 -16.57
CA LEU D 17 16.37 -5.76 -16.63
C LEU D 17 16.63 -7.26 -16.66
N VAL D 18 15.92 -8.02 -15.80
CA VAL D 18 16.14 -9.48 -15.79
C VAL D 18 15.64 -10.10 -17.08
N GLU D 19 14.49 -9.62 -17.59
CA GLU D 19 13.94 -10.13 -18.85
C GLU D 19 14.77 -9.86 -20.08
N GLU D 20 15.41 -8.70 -20.15
CA GLU D 20 16.16 -8.24 -21.34
C GLU D 20 17.22 -9.18 -21.79
N THR D 21 17.17 -9.64 -23.04
CA THR D 21 18.19 -10.62 -23.42
C THR D 21 19.57 -9.98 -23.48
N HIS D 22 19.66 -8.69 -23.78
CA HIS D 22 20.98 -8.08 -23.97
C HIS D 22 21.77 -7.89 -22.72
N THR D 23 21.17 -8.13 -21.57
CA THR D 23 21.93 -8.08 -20.30
C THR D 23 22.15 -9.48 -19.67
N ASN D 24 21.77 -10.55 -20.38
CA ASN D 24 21.84 -11.90 -19.80
C ASN D 24 23.26 -12.34 -19.44
N GLU D 25 24.28 -11.73 -19.99
CA GLU D 25 25.65 -12.04 -19.67
C GLU D 25 26.02 -11.50 -18.28
N PHE D 26 25.17 -10.65 -17.73
CA PHE D 26 25.35 -10.08 -16.40
C PHE D 26 24.31 -10.55 -15.40
N ILE D 27 23.05 -10.56 -15.80
CA ILE D 27 21.93 -10.84 -14.88
C ILE D 27 20.89 -11.58 -15.71
N THR D 28 20.50 -12.78 -15.24
CA THR D 28 19.74 -13.68 -16.10
C THR D 28 18.75 -14.46 -15.25
N TRP D 29 17.59 -14.78 -15.82
CA TRP D 29 16.75 -15.84 -15.27
C TRP D 29 17.52 -17.13 -15.22
N SER D 30 17.24 -17.94 -14.19
CA SER D 30 17.64 -19.35 -14.20
C SER D 30 16.85 -20.08 -15.31
N GLN D 31 17.30 -21.27 -15.69
CA GLN D 31 16.58 -22.01 -16.72
C GLN D 31 15.14 -22.30 -16.36
N ASN D 32 14.87 -22.55 -15.10
CA ASN D 32 13.46 -22.83 -14.74
C ASN D 32 12.63 -21.57 -14.51
N GLY D 33 13.23 -20.38 -14.69
CA GLY D 33 12.48 -19.15 -14.57
C GLY D 33 12.05 -18.76 -13.18
N GLN D 34 12.50 -19.47 -12.15
CA GLN D 34 12.00 -19.21 -10.79
C GLN D 34 12.91 -18.29 -9.95
N SER D 35 14.15 -18.04 -10.39
CA SER D 35 15.08 -17.18 -9.68
C SER D 35 15.90 -16.47 -10.74
N PHE D 36 16.72 -15.52 -10.32
CA PHE D 36 17.64 -14.87 -11.24
C PHE D 36 19.00 -14.82 -10.61
N LEU D 37 20.00 -14.77 -11.48
CA LEU D 37 21.38 -14.76 -11.04
C LEU D 37 22.08 -13.52 -11.50
N VAL D 38 22.85 -12.92 -10.59
CA VAL D 38 23.85 -11.89 -10.95
C VAL D 38 25.17 -12.64 -11.02
N LEU D 39 25.75 -12.76 -12.20
CA LEU D 39 26.86 -13.66 -12.40
C LEU D 39 28.15 -13.15 -11.78
N ASP D 40 28.37 -11.83 -11.82
CA ASP D 40 29.59 -11.20 -11.29
C ASP D 40 29.15 -9.85 -10.72
N GLU D 41 29.08 -9.75 -9.41
CA GLU D 41 28.54 -8.57 -8.76
C GLU D 41 29.30 -7.32 -9.12
N GLN D 42 30.63 -7.43 -9.17
CA GLN D 42 31.47 -6.25 -9.45
C GLN D 42 31.23 -5.74 -10.88
N ARG D 43 31.19 -6.63 -11.87
CA ARG D 43 30.95 -6.21 -13.22
C ARG D 43 29.52 -5.68 -13.39
N PHE D 44 28.54 -6.34 -12.80
CA PHE D 44 27.17 -5.90 -12.84
C PHE D 44 27.05 -4.48 -12.27
N ALA D 45 27.68 -4.25 -11.11
CA ALA D 45 27.55 -2.93 -10.49
C ALA D 45 28.20 -1.84 -11.32
N LYS D 46 29.30 -2.16 -11.98
CA LYS D 46 30.05 -1.17 -12.77
C LYS D 46 29.40 -0.90 -14.12
N GLU D 47 28.94 -1.93 -14.80
CA GLU D 47 28.51 -1.81 -16.20
C GLU D 47 27.00 -1.80 -16.40
N ILE D 48 26.19 -2.38 -15.48
CA ILE D 48 24.75 -2.47 -15.63
C ILE D 48 23.96 -1.53 -14.73
N LEU D 49 24.28 -1.47 -13.45
CA LEU D 49 23.49 -0.60 -12.55
C LEU D 49 23.45 0.88 -13.00
N PRO D 50 24.52 1.42 -13.58
CA PRO D 50 24.39 2.85 -13.96
C PRO D 50 23.33 3.06 -15.02
N LYS D 51 23.25 2.19 -16.01
CA LYS D 51 22.27 2.44 -17.06
C LYS D 51 20.87 2.27 -16.53
N TYR D 52 20.68 1.26 -15.69
CA TYR D 52 19.35 0.89 -15.25
C TYR D 52 18.90 1.62 -14.00
N PHE D 53 19.82 1.94 -13.08
CA PHE D 53 19.38 2.54 -11.81
C PHE D 53 20.15 3.81 -11.45
N LYS D 54 21.04 4.26 -12.33
CA LYS D 54 21.70 5.58 -12.21
C LYS D 54 22.73 5.67 -11.07
N HIS D 55 23.26 4.56 -10.63
CA HIS D 55 24.37 4.54 -9.68
C HIS D 55 25.11 3.24 -9.89
N ASN D 56 26.26 3.06 -9.23
CA ASN D 56 27.07 1.87 -9.37
C ASN D 56 27.24 1.06 -8.10
N ASN D 57 26.28 1.21 -7.20
CA ASN D 57 26.44 0.68 -5.85
C ASN D 57 25.61 -0.60 -5.63
N MET D 58 26.28 -1.76 -5.62
CA MET D 58 25.59 -3.02 -5.46
C MET D 58 24.80 -3.05 -4.16
N ALA D 59 25.32 -2.49 -3.07
CA ALA D 59 24.64 -2.51 -1.77
C ALA D 59 23.31 -1.79 -1.84
N SER D 60 23.25 -0.69 -2.60
CA SER D 60 21.99 0.04 -2.73
C SER D 60 20.95 -0.81 -3.48
N PHE D 61 21.39 -1.54 -4.52
CA PHE D 61 20.50 -2.44 -5.26
C PHE D 61 19.99 -3.57 -4.37
N VAL D 62 20.87 -4.22 -3.63
CA VAL D 62 20.48 -5.32 -2.76
C VAL D 62 19.57 -4.81 -1.62
N ARG D 63 19.77 -3.56 -1.16
CA ARG D 63 18.90 -2.99 -0.13
C ARG D 63 17.43 -2.91 -0.64
N GLN D 64 17.25 -2.52 -1.89
CA GLN D 64 15.92 -2.51 -2.49
C GLN D 64 15.35 -3.94 -2.62
N LEU D 65 16.18 -4.91 -3.04
CA LEU D 65 15.69 -6.29 -3.08
C LEU D 65 15.20 -6.72 -1.70
N ASN D 66 15.97 -6.37 -0.67
CA ASN D 66 15.56 -6.77 0.67
C ASN D 66 14.26 -6.10 1.12
N MET D 67 14.06 -4.85 0.73
CA MET D 67 12.85 -4.13 1.06
C MET D 67 11.63 -4.76 0.45
N TYR D 68 11.79 -5.42 -0.68
CA TYR D 68 10.67 -6.06 -1.34
C TYR D 68 10.60 -7.55 -1.08
N GLY D 69 11.36 -8.04 -0.11
CA GLY D 69 11.22 -9.41 0.38
C GLY D 69 11.90 -10.47 -0.45
N PHE D 70 12.82 -10.10 -1.35
CA PHE D 70 13.64 -11.09 -2.06
C PHE D 70 14.55 -11.82 -1.09
N ARG D 71 14.89 -13.05 -1.43
CA ARG D 71 15.80 -13.86 -0.65
C ARG D 71 16.96 -14.29 -1.49
N LYS D 72 18.02 -14.78 -0.90
CA LYS D 72 19.13 -15.41 -1.54
C LYS D 72 18.99 -16.91 -1.45
N VAL D 73 19.40 -17.60 -2.49
CA VAL D 73 19.37 -19.08 -2.49
C VAL D 73 20.80 -19.55 -2.48
N VAL D 74 21.15 -20.41 -1.53
CA VAL D 74 22.55 -20.83 -1.35
C VAL D 74 22.62 -22.35 -1.19
N HIS D 75 23.70 -22.95 -1.64
CA HIS D 75 23.83 -24.40 -1.46
C HIS D 75 24.00 -24.77 -0.01
N ILE D 76 23.50 -25.95 0.34
CA ILE D 76 23.75 -26.57 1.63
C ILE D 76 25.20 -27.00 1.64
N ASP D 77 25.90 -26.73 2.69
CA ASP D 77 27.23 -27.24 2.61
C ASP D 77 27.33 -28.44 3.51
N SER D 78 27.21 -29.59 2.93
CA SER D 78 27.32 -30.80 3.73
C SER D 78 28.67 -31.43 3.56
N GLY D 79 29.36 -31.66 4.69
CA GLY D 79 30.63 -32.36 4.65
C GLY D 79 31.78 -31.46 4.23
N ILE D 80 31.49 -30.20 3.91
CA ILE D 80 32.55 -29.26 3.53
C ILE D 80 32.44 -27.94 4.23
N VAL D 81 33.59 -27.28 4.33
CA VAL D 81 33.63 -25.89 4.74
C VAL D 81 33.88 -25.04 3.50
N LYS D 82 32.79 -24.62 2.87
CA LYS D 82 32.85 -23.81 1.65
C LYS D 82 33.31 -22.39 1.98
N GLN D 83 34.20 -21.84 1.15
CA GLN D 83 34.69 -20.49 1.39
C GLN D 83 33.89 -19.44 0.62
N GLU D 84 33.52 -18.38 1.32
CA GLU D 84 32.76 -17.28 0.73
C GLU D 84 33.62 -16.46 -0.20
N ARG D 85 33.63 -16.83 -1.47
CA ARG D 85 34.41 -16.12 -2.47
C ARG D 85 33.50 -15.40 -3.45
N ASP D 86 34.10 -14.68 -4.39
CA ASP D 86 33.34 -14.04 -5.45
C ASP D 86 32.80 -15.08 -6.40
N GLY D 87 31.47 -15.11 -6.55
CA GLY D 87 30.83 -16.02 -7.48
C GLY D 87 29.45 -15.48 -7.75
N PRO D 88 28.63 -16.22 -8.52
CA PRO D 88 27.27 -15.72 -8.80
C PRO D 88 26.46 -15.65 -7.53
N VAL D 89 25.51 -14.75 -7.51
CA VAL D 89 24.54 -14.67 -6.41
C VAL D 89 23.16 -14.87 -7.02
N GLU D 90 22.32 -15.69 -6.37
CA GLU D 90 21.02 -16.08 -6.87
C GLU D 90 19.94 -15.50 -5.95
N PHE D 91 18.99 -14.75 -6.51
CA PHE D 91 17.90 -14.15 -5.74
C PHE D 91 16.57 -14.71 -6.19
N GLN D 92 15.57 -14.67 -5.32
CA GLN D 92 14.25 -15.21 -5.66
C GLN D 92 13.18 -14.53 -4.85
N HIS D 93 12.03 -14.42 -5.47
CA HIS D 93 10.78 -14.01 -4.78
C HIS D 93 9.70 -14.87 -5.37
N PRO D 94 8.76 -15.35 -4.56
CA PRO D 94 7.69 -16.21 -5.12
C PRO D 94 6.82 -15.55 -6.19
N TYR D 95 6.80 -14.22 -6.27
CA TYR D 95 5.98 -13.57 -7.31
C TYR D 95 6.81 -12.87 -8.38
N PHE D 96 8.11 -13.22 -8.46
CA PHE D 96 9.02 -12.64 -9.49
C PHE D 96 9.45 -13.80 -10.36
N LYS D 97 8.82 -13.98 -11.54
CA LYS D 97 9.03 -15.18 -12.35
C LYS D 97 9.09 -14.84 -13.82
N GLN D 98 9.87 -15.60 -14.56
CA GLN D 98 10.07 -15.33 -15.99
C GLN D 98 8.76 -15.37 -16.75
N GLY D 99 8.59 -14.34 -17.57
CA GLY D 99 7.43 -14.19 -18.43
C GLY D 99 6.12 -14.00 -17.70
N GLN D 100 6.17 -13.64 -16.41
CA GLN D 100 4.91 -13.47 -15.65
C GLN D 100 4.84 -12.13 -14.95
N ASP D 101 4.94 -11.02 -15.67
CA ASP D 101 4.92 -9.72 -15.02
C ASP D 101 3.51 -9.45 -14.49
N ASP D 102 2.53 -10.31 -14.82
CA ASP D 102 1.22 -10.17 -14.21
C ASP D 102 1.23 -10.50 -12.71
N LEU D 103 2.32 -11.10 -12.21
CA LEU D 103 2.44 -11.40 -10.76
C LEU D 103 3.13 -10.30 -10.00
N LEU D 104 3.76 -9.35 -10.69
CA LEU D 104 4.53 -8.27 -9.99
C LEU D 104 3.74 -7.51 -8.99
N GLU D 105 2.46 -7.30 -9.31
CA GLU D 105 1.63 -6.46 -8.46
C GLU D 105 1.49 -7.07 -7.07
N ASN D 106 1.79 -8.36 -6.91
CA ASN D 106 1.67 -9.00 -5.62
C ASN D 106 2.87 -8.76 -4.73
N ILE D 107 3.95 -8.23 -5.28
CA ILE D 107 5.16 -8.03 -4.48
C ILE D 107 5.02 -6.75 -3.69
N LYS D 108 5.04 -6.86 -2.37
CA LYS D 108 4.76 -5.70 -1.54
C LYS D 108 5.99 -5.30 -0.71
N ARG D 109 6.13 -4.01 -0.49
CA ARG D 109 7.23 -3.46 0.29
C ARG D 109 7.09 -3.76 1.77
N LYS D 110 8.13 -4.26 2.42
CA LYS D 110 8.05 -4.50 3.86
C LYS D 110 7.82 -3.25 4.66
N VAL D 111 7.19 -3.44 5.81
CA VAL D 111 6.85 -2.34 6.71
C VAL D 111 7.67 -2.45 7.97
K K E . 8.00 18.45 -20.72
NA NA F . 6.30 15.88 -7.33
NA NA G . -10.19 13.95 -10.23
NA NA H . 0.37 19.26 -10.09
K K I . -9.53 12.66 4.50
CL CL J . -13.31 24.79 7.90
NA NA K . -29.54 3.83 11.77
NA NA L . -17.21 15.25 14.81
NA NA M . -9.07 15.71 7.03
K K N . -2.33 -16.75 8.67
NA NA O . -8.82 -19.17 19.76
K K P . -16.58 24.57 11.03
K K Q . 18.71 -10.07 -18.51
K K R . 24.08 -15.93 -18.71
CL CL S . 22.79 -28.40 -4.32
CL CL T . 20.24 -14.62 -23.88
NA NA U . 12.42 -15.12 -8.27
NA NA V . 16.96 -13.61 -18.38
#